data_8WM2
#
_entry.id   8WM2
#
_cell.length_a   70.790
_cell.length_b   81.026
_cell.length_c   131.842
_cell.angle_alpha   90.000
_cell.angle_beta   90.000
_cell.angle_gamma   90.000
#
_symmetry.space_group_name_H-M   'P 21 21 21'
#
loop_
_entity.id
_entity.type
_entity.pdbx_description
1 polymer 'Fe-S radical SAM'
2 non-polymer 'IRON/SULFUR CLUSTER'
3 non-polymer 'SULFATE ION'
4 water water
#
_entity_poly.entity_id   1
_entity_poly.type   'polypeptide(L)'
_entity_poly.pdbx_seq_one_letter_code
;MRVSLDLAPVGQRIPQEKRDSVVSEIEQKLTDRHQTLADAIRERELYFRMSVVGTCNLSCSFCHNEGAPTSGKMNAENAD
RAIAAAVRAGFTRVQLTGGEPLLRQDIDDFVRVARRHVDDVGVTTNGTYLPKRLDALVDAGLARIHVSLQTEPLEEAGEN
GAWGIPDWLLPTVERARSGAFSLRFNLPVPADCLDRADAFLDLLTFNGVDVKVFSVLPEGQEREGAYPLERLEEIVEQAN
ARAVAPAGKRPGEVFIRGFRPPSGLRCGTCRDAARCMEQSHSLRLGADMKFRPCLATRDWDSWFTEEDLDATVREAALLA
LDYRW
;
_entity_poly.pdbx_strand_id   A,B
#
# COMPACT_ATOMS: atom_id res chain seq x y z
N ARG A 13 16.67 18.61 2.20
CA ARG A 13 17.55 18.74 3.36
C ARG A 13 17.40 20.12 4.01
N ILE A 14 17.43 20.14 5.34
CA ILE A 14 17.30 21.36 6.13
C ILE A 14 18.55 21.47 7.01
N PRO A 15 19.25 22.60 7.01
CA PRO A 15 20.40 22.73 7.90
C PRO A 15 19.98 22.68 9.37
N GLN A 16 20.84 22.09 10.20
CA GLN A 16 20.53 21.96 11.62
C GLN A 16 20.34 23.33 12.28
N GLU A 17 21.08 24.34 11.82
CA GLU A 17 20.93 25.68 12.39
C GLU A 17 19.56 26.27 12.06
N LYS A 18 19.02 25.94 10.88
CA LYS A 18 17.67 26.36 10.55
C LYS A 18 16.64 25.57 11.37
N ARG A 19 16.89 24.27 11.57
CA ARG A 19 16.03 23.48 12.45
C ARG A 19 16.12 23.99 13.88
N ASP A 20 17.32 24.31 14.36
CA ASP A 20 17.47 24.88 15.68
C ASP A 20 16.76 26.23 15.78
N SER A 21 16.84 27.04 14.72
CA SER A 21 16.18 28.34 14.73
C SER A 21 14.66 28.18 14.77
N VAL A 22 14.13 27.20 14.05
CA VAL A 22 12.69 26.98 14.04
C VAL A 22 12.21 26.44 15.38
N VAL A 23 12.94 25.46 15.94
CA VAL A 23 12.57 24.89 17.23
C VAL A 23 12.58 25.97 18.32
N SER A 24 13.56 26.87 18.27
CA SER A 24 13.60 27.97 19.24
C SER A 24 12.38 28.87 19.08
N GLU A 25 11.93 29.10 17.85
CA GLU A 25 10.77 29.95 17.64
C GLU A 25 9.51 29.30 18.23
N ILE A 26 9.36 27.99 18.08
CA ILE A 26 8.20 27.29 18.63
C ILE A 26 8.21 27.38 20.14
N GLU A 27 9.36 27.16 20.77
CA GLU A 27 9.46 27.28 22.22
C GLU A 27 9.21 28.72 22.68
N GLN A 28 9.65 29.71 21.90
CA GLN A 28 9.35 31.10 22.23
C GLN A 28 7.87 31.39 22.07
N LYS A 29 7.25 30.86 21.01
CA LYS A 29 5.82 31.06 20.83
C LYS A 29 5.02 30.40 21.94
N LEU A 30 5.54 29.32 22.53
CA LEU A 30 4.86 28.68 23.65
C LEU A 30 4.93 29.54 24.90
N THR A 31 6.10 30.12 25.19
CA THR A 31 6.21 30.99 26.37
C THR A 31 5.41 32.27 26.18
N ASP A 32 5.29 32.77 24.95
CA ASP A 32 4.45 33.92 24.70
C ASP A 32 2.98 33.65 25.01
N ARG A 33 2.57 32.38 24.95
CA ARG A 33 1.22 31.97 25.30
C ARG A 33 1.12 31.48 26.75
N HIS A 34 2.19 31.62 27.53
CA HIS A 34 2.24 31.11 28.90
C HIS A 34 1.93 29.62 28.93
N GLN A 35 2.43 28.90 27.93
CA GLN A 35 2.04 27.52 27.68
C GLN A 35 3.26 26.62 27.69
N THR A 36 3.06 25.40 28.19
CA THR A 36 4.09 24.36 28.16
C THR A 36 3.86 23.45 26.96
N LEU A 37 4.83 22.56 26.72
CA LEU A 37 4.70 21.61 25.63
C LEU A 37 3.51 20.68 25.83
N ALA A 38 3.32 20.21 27.06
CA ALA A 38 2.21 19.29 27.34
C ALA A 38 0.87 19.98 27.18
N ASP A 39 0.77 21.26 27.58
CA ASP A 39 -0.47 22.00 27.41
C ASP A 39 -0.80 22.22 25.94
N ALA A 40 0.22 22.40 25.09
CA ALA A 40 -0.04 22.56 23.67
C ALA A 40 -0.45 21.24 23.04
N ILE A 41 0.11 20.13 23.52
CA ILE A 41 -0.31 18.81 23.07
C ILE A 41 -1.78 18.57 23.43
N ARG A 42 -2.17 18.94 24.65
CA ARG A 42 -3.55 18.74 25.09
C ARG A 42 -4.51 19.66 24.34
N GLU A 43 -4.10 20.91 24.09
CA GLU A 43 -4.96 21.83 23.35
C GLU A 43 -5.20 21.34 21.94
N ARG A 44 -4.17 20.87 21.26
CA ARG A 44 -4.30 20.35 19.90
C ARG A 44 -4.83 18.93 19.85
N GLU A 45 -4.98 18.26 21.01
CA GLU A 45 -5.30 16.85 21.07
C GLU A 45 -4.34 16.03 20.21
N LEU A 46 -3.06 16.37 20.32
CA LEU A 46 -2.02 15.69 19.56
C LEU A 46 -1.70 14.35 20.22
N TYR A 47 -1.61 13.30 19.42
CA TYR A 47 -1.36 11.95 19.92
C TYR A 47 -0.11 11.39 19.27
N PHE A 48 0.33 10.25 19.80
CA PHE A 48 1.53 9.56 19.32
C PHE A 48 1.11 8.46 18.35
N ARG A 49 1.54 8.58 17.10
CA ARG A 49 1.15 7.65 16.03
C ARG A 49 2.39 6.83 15.67
N MET A 50 2.46 5.61 16.20
CA MET A 50 3.61 4.73 16.03
C MET A 50 3.26 3.63 15.06
N SER A 51 3.98 3.59 13.93
CA SER A 51 3.79 2.58 12.90
C SER A 51 4.63 1.36 13.26
N VAL A 52 3.98 0.26 13.63
CA VAL A 52 4.70 -0.95 14.03
C VAL A 52 4.97 -1.90 12.88
N VAL A 53 4.46 -1.62 11.69
CA VAL A 53 4.65 -2.49 10.53
C VAL A 53 4.93 -1.63 9.32
N GLY A 54 5.94 -2.00 8.54
CA GLY A 54 6.23 -1.37 7.26
C GLY A 54 5.84 -2.28 6.11
N THR A 55 5.28 -1.69 5.06
CA THR A 55 4.85 -2.43 3.88
C THR A 55 5.85 -2.25 2.75
N CYS A 56 6.16 -3.35 2.06
CA CYS A 56 7.20 -3.38 1.05
C CYS A 56 6.66 -3.04 -0.33
N ASN A 57 7.47 -2.30 -1.10
CA ASN A 57 7.17 -1.91 -2.49
C ASN A 57 5.74 -1.40 -2.68
N LEU A 58 5.21 -0.71 -1.67
CA LEU A 58 3.87 -0.15 -1.75
C LEU A 58 3.80 1.01 -2.74
N PHE A 62 4.21 5.33 -4.98
CA PHE A 62 3.47 5.62 -6.21
C PHE A 62 3.73 7.06 -6.68
N CYS A 63 4.23 7.89 -5.77
CA CYS A 63 4.52 9.28 -6.12
C CYS A 63 5.79 9.81 -5.44
N HIS A 64 6.61 8.94 -4.85
CA HIS A 64 7.84 9.39 -4.22
C HIS A 64 8.88 8.27 -4.17
N ASN A 65 8.53 7.14 -3.55
CA ASN A 65 9.47 6.03 -3.40
C ASN A 65 8.68 4.78 -3.05
N GLU A 66 9.41 3.67 -2.89
CA GLU A 66 8.82 2.40 -2.47
C GLU A 66 9.16 2.13 -1.01
N GLY A 67 8.30 1.34 -0.36
CA GLY A 67 8.48 1.05 1.04
C GLY A 67 9.46 -0.07 1.32
N ALA A 68 9.76 -0.25 2.61
CA ALA A 68 10.66 -1.29 3.09
C ALA A 68 10.03 -2.01 4.26
N PRO A 69 10.42 -3.27 4.51
CA PRO A 69 9.85 -4.01 5.64
C PRO A 69 10.15 -3.36 6.99
N THR A 70 9.59 -3.92 8.05
CA THR A 70 9.78 -3.36 9.38
C THR A 70 11.22 -3.52 9.82
N SER A 71 11.76 -2.49 10.46
CA SER A 71 13.10 -2.55 11.02
C SER A 71 13.13 -3.42 12.26
N GLY A 72 14.24 -4.13 12.44
CA GLY A 72 14.43 -4.93 13.64
C GLY A 72 14.45 -4.11 14.91
N LYS A 73 14.75 -2.82 14.82
CA LYS A 73 14.69 -1.93 15.97
C LYS A 73 13.26 -1.62 16.38
N MET A 74 12.29 -1.75 15.47
CA MET A 74 10.88 -1.54 15.82
C MET A 74 10.39 -2.80 16.53
N ASN A 75 10.69 -2.86 17.83
CA ASN A 75 10.44 -4.02 18.66
C ASN A 75 9.77 -3.56 19.95
N ALA A 76 9.44 -4.51 20.82
CA ALA A 76 8.71 -4.18 22.04
C ALA A 76 9.55 -3.34 22.99
N GLU A 77 10.86 -3.53 22.99
CA GLU A 77 11.71 -2.76 23.89
C GLU A 77 11.79 -1.30 23.47
N ASN A 78 12.14 -1.04 22.21
CA ASN A 78 12.22 0.34 21.73
C ASN A 78 10.85 1.01 21.75
N ALA A 79 9.79 0.26 21.48
CA ALA A 79 8.45 0.83 21.58
C ALA A 79 8.15 1.26 23.01
N ASP A 80 8.72 0.58 24.00
CA ASP A 80 8.53 0.98 25.38
C ASP A 80 9.30 2.26 25.69
N ARG A 81 10.49 2.41 25.11
CA ARG A 81 11.25 3.64 25.32
C ARG A 81 10.59 4.82 24.63
N ALA A 82 10.12 4.63 23.39
CA ALA A 82 9.54 5.73 22.63
C ALA A 82 8.24 6.21 23.27
N ILE A 83 7.39 5.28 23.70
CA ILE A 83 6.13 5.66 24.32
C ILE A 83 6.38 6.32 25.67
N ALA A 84 7.33 5.78 26.45
CA ALA A 84 7.65 6.40 27.74
C ALA A 84 8.20 7.80 27.56
N ALA A 85 9.07 7.99 26.55
CA ALA A 85 9.57 9.33 26.26
C ALA A 85 8.46 10.24 25.75
N ALA A 86 7.49 9.70 25.01
CA ALA A 86 6.39 10.52 24.53
C ALA A 86 5.47 10.94 25.67
N VAL A 87 5.24 10.04 26.63
CA VAL A 87 4.41 10.39 27.78
C VAL A 87 5.09 11.47 28.61
N ARG A 88 6.41 11.38 28.79
CA ARG A 88 7.11 12.44 29.52
C ARG A 88 7.08 13.75 28.77
N ALA A 89 6.95 13.71 27.44
CA ALA A 89 6.82 14.94 26.66
C ALA A 89 5.43 15.54 26.74
N GLY A 90 4.42 14.75 27.10
CA GLY A 90 3.08 15.27 27.29
C GLY A 90 1.98 14.54 26.55
N PHE A 91 2.34 13.49 25.83
CA PHE A 91 1.35 12.72 25.08
C PHE A 91 0.56 11.80 26.00
N THR A 92 -0.75 11.73 25.78
CA THR A 92 -1.63 10.90 26.58
C THR A 92 -2.37 9.85 25.74
N ARG A 93 -2.03 9.70 24.47
CA ARG A 93 -2.70 8.74 23.60
C ARG A 93 -1.71 8.16 22.61
N VAL A 94 -1.79 6.85 22.40
CA VAL A 94 -0.96 6.16 21.42
C VAL A 94 -1.88 5.44 20.44
N GLN A 95 -1.55 5.53 19.15
CA GLN A 95 -2.28 4.83 18.11
C GLN A 95 -1.27 4.01 17.30
N LEU A 96 -1.50 2.69 17.24
CA LEU A 96 -0.59 1.79 16.54
C LEU A 96 -1.02 1.68 15.07
N THR A 97 -0.12 2.03 14.15
CA THR A 97 -0.46 2.08 12.72
C THR A 97 0.58 1.38 11.85
N GLY A 98 0.72 1.83 10.61
CA GLY A 98 1.65 1.21 9.67
C GLY A 98 0.91 0.66 8.47
N GLY A 99 1.56 -0.17 7.67
CA GLY A 99 0.87 -0.82 6.58
C GLY A 99 -0.29 -1.66 7.07
N GLU A 100 0.02 -2.65 7.90
CA GLU A 100 -1.01 -3.46 8.55
C GLU A 100 -0.44 -3.91 9.89
N PRO A 101 -0.78 -3.23 10.99
CA PRO A 101 -0.23 -3.61 12.30
C PRO A 101 -0.55 -5.03 12.71
N LEU A 102 -1.72 -5.55 12.32
CA LEU A 102 -2.07 -6.91 12.71
C LEU A 102 -1.30 -7.97 11.94
N LEU A 103 -0.44 -7.57 10.99
CA LEU A 103 0.35 -8.54 10.25
C LEU A 103 1.38 -9.23 11.14
N ARG A 104 1.92 -8.54 12.13
CA ARG A 104 2.91 -9.13 13.01
C ARG A 104 2.24 -9.86 14.16
N GLN A 105 2.78 -11.04 14.49
CA GLN A 105 2.13 -11.90 15.46
C GLN A 105 2.18 -11.33 16.88
N ASP A 106 3.19 -10.51 17.17
CA ASP A 106 3.32 -9.88 18.48
C ASP A 106 2.66 -8.52 18.55
N ILE A 107 1.54 -8.32 17.84
CA ILE A 107 0.90 -7.01 17.86
C ILE A 107 0.29 -6.71 19.22
N ASP A 108 -0.24 -7.73 19.91
CA ASP A 108 -0.79 -7.52 21.24
C ASP A 108 0.29 -7.15 22.26
N ASP A 109 1.54 -7.56 22.02
CA ASP A 109 2.63 -7.13 22.90
C ASP A 109 2.77 -5.62 22.90
N PHE A 110 2.63 -5.00 21.72
CA PHE A 110 2.75 -3.55 21.64
C PHE A 110 1.59 -2.86 22.35
N VAL A 111 0.40 -3.44 22.29
CA VAL A 111 -0.74 -2.88 23.03
C VAL A 111 -0.48 -2.96 24.52
N ARG A 112 0.10 -4.07 24.97
CA ARG A 112 0.42 -4.23 26.39
C ARG A 112 1.47 -3.21 26.82
N VAL A 113 2.49 -3.00 25.97
CA VAL A 113 3.52 -2.00 26.26
C VAL A 113 2.90 -0.61 26.35
N ALA A 114 2.08 -0.25 25.35
CA ALA A 114 1.46 1.08 25.36
C ALA A 114 0.49 1.24 26.52
N ARG A 115 -0.18 0.16 26.94
CA ARG A 115 -1.10 0.25 28.06
C ARG A 115 -0.39 0.52 29.38
N ARG A 116 0.91 0.24 29.48
CA ARG A 116 1.62 0.56 30.70
C ARG A 116 1.81 2.05 30.90
N HIS A 117 1.73 2.85 29.83
CA HIS A 117 2.00 4.27 29.93
C HIS A 117 0.77 5.15 29.75
N VAL A 118 -0.20 4.73 28.94
CA VAL A 118 -1.44 5.48 28.74
C VAL A 118 -2.60 4.50 28.74
N ASP A 119 -3.80 5.03 28.97
CA ASP A 119 -5.01 4.25 28.84
C ASP A 119 -5.55 4.23 27.42
N ASP A 120 -5.24 5.27 26.63
CA ASP A 120 -5.80 5.43 25.29
C ASP A 120 -4.85 4.79 24.28
N VAL A 121 -5.04 3.49 24.04
CA VAL A 121 -4.26 2.74 23.06
C VAL A 121 -5.20 2.30 21.95
N GLY A 122 -4.85 2.63 20.70
CA GLY A 122 -5.67 2.28 19.56
C GLY A 122 -4.84 1.61 18.47
N VAL A 123 -5.55 1.08 17.49
CA VAL A 123 -4.95 0.41 16.33
C VAL A 123 -5.73 0.80 15.09
N THR A 124 -5.01 1.19 14.03
CA THR A 124 -5.60 1.41 12.71
C THR A 124 -5.21 0.24 11.82
N THR A 125 -6.21 -0.47 11.29
CA THR A 125 -5.98 -1.71 10.58
C THR A 125 -6.92 -1.80 9.38
N ASN A 126 -6.59 -2.68 8.44
CA ASN A 126 -7.48 -2.99 7.34
C ASN A 126 -8.53 -4.04 7.71
N GLY A 127 -8.38 -4.70 8.87
CA GLY A 127 -9.41 -5.53 9.42
C GLY A 127 -9.35 -7.01 9.06
N THR A 128 -8.61 -7.38 8.01
CA THR A 128 -8.63 -8.77 7.54
C THR A 128 -8.08 -9.72 8.60
N TYR A 129 -7.19 -9.25 9.47
CA TYR A 129 -6.60 -10.08 10.50
C TYR A 129 -7.28 -9.95 11.86
N LEU A 130 -8.37 -9.18 11.95
CA LEU A 130 -9.10 -9.08 13.19
C LEU A 130 -9.60 -10.43 13.73
N PRO A 131 -10.13 -11.36 12.92
CA PRO A 131 -10.56 -12.65 13.50
C PRO A 131 -9.45 -13.40 14.24
N LYS A 132 -8.21 -13.31 13.76
CA LYS A 132 -7.10 -14.01 14.38
C LYS A 132 -6.52 -13.27 15.58
N ARG A 133 -6.66 -11.94 15.61
CA ARG A 133 -6.00 -11.13 16.62
C ARG A 133 -6.96 -10.54 17.65
N LEU A 134 -8.28 -10.68 17.47
CA LEU A 134 -9.24 -9.92 18.26
C LEU A 134 -9.09 -10.19 19.75
N ASP A 135 -9.14 -11.47 20.14
CA ASP A 135 -9.12 -11.80 21.57
C ASP A 135 -7.84 -11.35 22.24
N ALA A 136 -6.69 -11.51 21.56
CA ALA A 136 -5.43 -11.10 22.18
C ALA A 136 -5.36 -9.58 22.34
N LEU A 137 -5.99 -8.82 21.44
CA LEU A 137 -5.96 -7.37 21.55
C LEU A 137 -6.80 -6.89 22.73
N VAL A 138 -7.94 -7.54 22.98
CA VAL A 138 -8.77 -7.16 24.13
C VAL A 138 -8.10 -7.57 25.43
N ASP A 139 -7.46 -8.75 25.45
CA ASP A 139 -6.69 -9.17 26.62
C ASP A 139 -5.59 -8.17 26.93
N ALA A 140 -4.98 -7.59 25.90
CA ALA A 140 -3.96 -6.56 26.10
C ALA A 140 -4.55 -5.21 26.49
N GLY A 141 -5.87 -5.08 26.49
CA GLY A 141 -6.50 -3.85 26.91
C GLY A 141 -6.60 -2.78 25.85
N LEU A 142 -6.75 -3.16 24.58
CA LEU A 142 -6.87 -2.18 23.51
C LEU A 142 -8.16 -1.38 23.67
N ALA A 143 -8.07 -0.07 23.51
CA ALA A 143 -9.22 0.81 23.72
C ALA A 143 -9.96 1.17 22.44
N ARG A 144 -9.26 1.25 21.32
CA ARG A 144 -9.85 1.69 20.07
C ARG A 144 -9.42 0.78 18.93
N ILE A 145 -10.32 0.62 17.95
CA ILE A 145 -9.99 -0.03 16.68
C ILE A 145 -10.54 0.85 15.57
N HIS A 146 -9.67 1.26 14.66
CA HIS A 146 -10.06 2.00 13.46
C HIS A 146 -9.79 1.12 12.26
N VAL A 147 -10.85 0.83 11.49
CA VAL A 147 -10.77 -0.04 10.33
C VAL A 147 -10.87 0.83 9.08
N SER A 148 -9.84 0.75 8.23
CA SER A 148 -9.84 1.44 6.94
C SER A 148 -10.59 0.58 5.94
N LEU A 149 -11.79 1.03 5.54
CA LEU A 149 -12.61 0.27 4.63
C LEU A 149 -12.19 0.50 3.19
N GLN A 150 -12.46 -0.49 2.34
CA GLN A 150 -12.30 -0.38 0.90
C GLN A 150 -13.64 -0.65 0.23
N THR A 151 -13.85 -0.01 -0.92
CA THR A 151 -15.14 -0.10 -1.61
C THR A 151 -15.44 -1.54 -2.07
N GLU A 152 -14.43 -2.23 -2.62
CA GLU A 152 -14.70 -3.55 -3.19
C GLU A 152 -15.20 -4.56 -2.17
N PRO A 153 -14.59 -4.72 -0.98
CA PRO A 153 -15.16 -5.68 -0.02
C PRO A 153 -16.57 -5.31 0.43
N LEU A 154 -16.91 -4.02 0.48
CA LEU A 154 -18.26 -3.63 0.86
C LEU A 154 -19.27 -4.05 -0.21
N GLU A 155 -18.89 -3.94 -1.50
CA GLU A 155 -19.77 -4.39 -2.57
C GLU A 155 -19.96 -5.90 -2.52
N GLU A 156 -18.88 -6.64 -2.33
CA GLU A 156 -18.97 -8.09 -2.29
C GLU A 156 -19.74 -8.56 -1.06
N ALA A 157 -19.58 -7.88 0.08
CA ALA A 157 -20.28 -8.30 1.28
C ALA A 157 -21.78 -8.06 1.17
N GLY A 158 -22.19 -7.08 0.37
CA GLY A 158 -23.59 -6.81 0.14
C GLY A 158 -24.13 -7.59 -1.05
N GLU A 159 -25.36 -7.23 -1.44
CA GLU A 159 -26.02 -7.84 -2.59
C GLU A 159 -26.82 -6.77 -3.31
N ASN A 160 -27.12 -7.04 -4.58
CA ASN A 160 -27.92 -6.16 -5.42
C ASN A 160 -27.30 -4.78 -5.58
N GLY A 161 -25.98 -4.66 -5.38
CA GLY A 161 -25.29 -3.40 -5.49
C GLY A 161 -25.13 -2.64 -4.18
N ALA A 162 -25.96 -2.92 -3.18
CA ALA A 162 -25.85 -2.26 -1.89
C ALA A 162 -24.60 -2.72 -1.16
N TRP A 163 -24.14 -1.88 -0.22
CA TRP A 163 -22.96 -2.16 0.57
C TRP A 163 -23.33 -2.95 1.83
N GLY A 164 -22.41 -3.83 2.25
CA GLY A 164 -22.61 -4.60 3.45
C GLY A 164 -21.33 -4.67 4.26
N ILE A 165 -21.47 -5.16 5.49
CA ILE A 165 -20.32 -5.34 6.36
C ILE A 165 -19.67 -6.69 6.06
N PRO A 166 -18.36 -6.73 5.80
CA PRO A 166 -17.71 -8.02 5.53
C PRO A 166 -17.84 -8.98 6.71
N ASP A 167 -17.87 -10.28 6.39
CA ASP A 167 -18.06 -11.31 7.41
C ASP A 167 -17.02 -11.18 8.52
N TRP A 168 -15.74 -11.07 8.15
CA TRP A 168 -14.65 -11.02 9.12
C TRP A 168 -14.64 -9.75 9.98
N LEU A 169 -15.64 -8.86 9.84
CA LEU A 169 -15.74 -7.70 10.72
C LEU A 169 -16.87 -7.81 11.74
N LEU A 170 -17.84 -8.69 11.52
CA LEU A 170 -19.00 -8.75 12.41
C LEU A 170 -18.66 -9.07 13.86
N PRO A 171 -17.79 -10.04 14.19
CA PRO A 171 -17.45 -10.25 15.61
C PRO A 171 -16.79 -9.04 16.26
N THR A 172 -15.99 -8.28 15.51
CA THR A 172 -15.41 -7.06 16.06
C THR A 172 -16.49 -6.01 16.31
N VAL A 173 -17.48 -5.93 15.43
CA VAL A 173 -18.57 -4.97 15.59
C VAL A 173 -19.38 -5.29 16.84
N GLU A 174 -19.72 -6.57 17.04
CA GLU A 174 -20.53 -6.94 18.20
C GLU A 174 -19.74 -6.78 19.49
N ARG A 175 -18.46 -7.18 19.49
CA ARG A 175 -17.64 -7.01 20.69
C ARG A 175 -17.48 -5.54 21.06
N ALA A 176 -17.42 -4.65 20.06
CA ALA A 176 -17.30 -3.23 20.35
C ALA A 176 -18.61 -2.67 20.88
N ARG A 177 -19.75 -3.11 20.31
CA ARG A 177 -21.05 -2.67 20.80
C ARG A 177 -21.25 -3.07 22.26
N SER A 178 -20.63 -4.17 22.69
CA SER A 178 -20.72 -4.64 24.06
C SER A 178 -19.83 -3.88 25.03
N GLY A 179 -19.23 -2.77 24.59
CA GLY A 179 -18.41 -1.94 25.45
C GLY A 179 -16.98 -2.39 25.63
N ALA A 180 -16.52 -3.40 24.87
CA ALA A 180 -15.16 -3.87 25.03
C ALA A 180 -14.14 -2.85 24.54
N PHE A 181 -14.44 -2.17 23.44
CA PHE A 181 -13.54 -1.15 22.90
C PHE A 181 -14.33 -0.25 21.96
N SER A 182 -13.77 0.92 21.70
CA SER A 182 -14.34 1.84 20.73
C SER A 182 -13.95 1.43 19.31
N LEU A 183 -14.93 1.46 18.41
CA LEU A 183 -14.73 1.03 17.03
C LEU A 183 -15.17 2.14 16.07
N ARG A 184 -14.34 2.39 15.06
CA ARG A 184 -14.65 3.39 14.05
C ARG A 184 -14.28 2.86 12.68
N PHE A 185 -15.13 3.14 11.69
CA PHE A 185 -14.86 2.79 10.29
C PHE A 185 -14.50 4.04 9.50
N ASN A 186 -13.44 3.94 8.70
CA ASN A 186 -13.07 4.98 7.75
C ASN A 186 -13.67 4.61 6.39
N LEU A 187 -14.66 5.38 5.96
CA LEU A 187 -15.48 5.00 4.80
C LEU A 187 -15.16 5.87 3.60
N PRO A 188 -14.44 5.38 2.60
CA PRO A 188 -14.25 6.15 1.37
C PRO A 188 -15.54 6.20 0.57
N VAL A 189 -15.88 7.39 0.08
CA VAL A 189 -17.08 7.61 -0.70
C VAL A 189 -16.70 8.20 -2.05
N PRO A 190 -16.61 7.38 -3.08
CA PRO A 190 -16.43 7.93 -4.44
C PRO A 190 -17.63 8.78 -4.84
N ALA A 191 -17.43 9.56 -5.91
CA ALA A 191 -18.44 10.53 -6.31
C ALA A 191 -19.74 9.87 -6.72
N ASP A 192 -19.66 8.70 -7.36
CA ASP A 192 -20.84 7.99 -7.85
C ASP A 192 -21.39 6.99 -6.83
N CYS A 193 -20.99 7.10 -5.57
CA CYS A 193 -21.44 6.16 -4.54
C CYS A 193 -22.07 6.87 -3.35
N LEU A 194 -22.62 8.06 -3.58
CA LEU A 194 -23.24 8.80 -2.48
C LEU A 194 -24.51 8.10 -1.99
N ASP A 195 -25.26 7.46 -2.88
CA ASP A 195 -26.48 6.79 -2.45
C ASP A 195 -26.17 5.47 -1.75
N ARG A 196 -25.14 4.75 -2.18
CA ARG A 196 -24.78 3.51 -1.48
C ARG A 196 -24.24 3.81 -0.09
N ALA A 197 -23.39 4.83 0.03
CA ALA A 197 -22.86 5.19 1.33
C ALA A 197 -23.96 5.69 2.26
N ASP A 198 -24.97 6.37 1.72
CA ASP A 198 -26.06 6.89 2.55
C ASP A 198 -26.79 5.77 3.27
N ALA A 199 -27.23 4.75 2.52
CA ALA A 199 -27.88 3.61 3.16
C ALA A 199 -26.91 2.81 4.01
N PHE A 200 -25.64 2.72 3.61
CA PHE A 200 -24.69 1.91 4.37
C PHE A 200 -24.41 2.51 5.75
N LEU A 201 -24.50 3.84 5.87
CA LEU A 201 -24.29 4.47 7.18
C LEU A 201 -25.32 4.03 8.20
N ASP A 202 -26.53 3.66 7.76
CA ASP A 202 -27.55 3.20 8.70
C ASP A 202 -27.14 1.87 9.34
N LEU A 203 -26.52 0.97 8.56
CA LEU A 203 -26.06 -0.29 9.13
C LEU A 203 -25.00 -0.06 10.21
N LEU A 204 -24.10 0.91 9.98
CA LEU A 204 -23.00 1.14 10.90
C LEU A 204 -23.47 1.85 12.17
N THR A 205 -24.29 2.89 12.04
CA THR A 205 -24.76 3.62 13.21
C THR A 205 -25.65 2.75 14.09
N PHE A 206 -26.49 1.92 13.47
CA PHE A 206 -27.37 1.05 14.25
C PHE A 206 -26.59 0.13 15.16
N ASN A 207 -25.43 -0.35 14.69
CA ASN A 207 -24.58 -1.23 15.48
C ASN A 207 -23.54 -0.45 16.30
N GLY A 208 -23.69 0.86 16.43
CA GLY A 208 -22.83 1.62 17.30
C GLY A 208 -21.47 1.93 16.74
N VAL A 209 -21.29 1.76 15.43
CA VAL A 209 -20.00 1.97 14.78
C VAL A 209 -19.90 3.44 14.37
N ASP A 210 -18.90 4.13 14.91
CA ASP A 210 -18.59 5.47 14.43
C ASP A 210 -18.02 5.39 13.02
N VAL A 211 -18.31 6.40 12.21
CA VAL A 211 -17.87 6.41 10.81
C VAL A 211 -17.20 7.74 10.51
N LYS A 212 -16.06 7.68 9.84
CA LYS A 212 -15.38 8.85 9.30
C LYS A 212 -15.42 8.73 7.77
N VAL A 213 -16.29 9.51 7.14
CA VAL A 213 -16.42 9.50 5.69
C VAL A 213 -15.43 10.48 5.09
N PHE A 214 -14.96 10.19 3.88
CA PHE A 214 -14.08 11.10 3.16
C PHE A 214 -14.26 10.88 1.66
N SER A 215 -13.95 11.92 0.89
CA SER A 215 -14.16 11.90 -0.55
C SER A 215 -13.03 11.16 -1.26
N VAL A 216 -13.31 10.72 -2.48
CA VAL A 216 -12.37 9.94 -3.27
C VAL A 216 -12.43 10.40 -4.73
N LEU A 217 -11.26 10.51 -5.35
CA LEU A 217 -11.13 10.87 -6.76
C LEU A 217 -11.73 12.25 -7.06
N GLU A 224 -11.36 16.69 -13.63
CA GLU A 224 -12.55 17.14 -14.34
C GLU A 224 -13.82 16.62 -13.65
N GLY A 225 -14.75 17.54 -13.39
CA GLY A 225 -15.94 17.22 -12.62
C GLY A 225 -15.68 17.26 -11.13
N ALA A 226 -16.04 18.37 -10.48
CA ALA A 226 -15.77 18.53 -9.06
C ALA A 226 -16.60 17.55 -8.23
N TYR A 227 -16.04 17.17 -7.09
CA TYR A 227 -16.69 16.18 -6.24
C TYR A 227 -17.94 16.78 -5.60
N PRO A 228 -19.04 16.02 -5.54
CA PRO A 228 -20.25 16.52 -4.88
C PRO A 228 -20.08 16.60 -3.37
N LEU A 229 -19.18 17.46 -2.92
CA LEU A 229 -18.88 17.55 -1.47
C LEU A 229 -20.04 18.11 -0.66
N GLU A 230 -20.95 18.85 -1.29
CA GLU A 230 -22.06 19.40 -0.53
C GLU A 230 -23.06 18.31 -0.13
N ARG A 231 -23.40 17.42 -1.05
CA ARG A 231 -24.38 16.39 -0.74
C ARG A 231 -23.84 15.41 0.29
N LEU A 232 -22.54 15.10 0.22
CA LEU A 232 -21.94 14.22 1.21
C LEU A 232 -22.02 14.82 2.61
N GLU A 233 -21.78 16.12 2.72
CA GLU A 233 -21.96 16.79 4.01
C GLU A 233 -23.40 16.70 4.48
N GLU A 234 -24.35 16.84 3.56
CA GLU A 234 -25.76 16.72 3.92
C GLU A 234 -26.08 15.29 4.37
N ILE A 235 -25.54 14.30 3.66
CA ILE A 235 -25.74 12.90 4.02
C ILE A 235 -25.24 12.64 5.43
N VAL A 236 -24.12 13.25 5.82
CA VAL A 236 -23.60 13.07 7.17
C VAL A 236 -24.58 13.61 8.20
N GLU A 237 -25.09 14.82 7.96
CA GLU A 237 -26.04 15.43 8.90
C GLU A 237 -27.33 14.62 8.99
N GLN A 238 -27.81 14.11 7.84
CA GLN A 238 -29.02 13.29 7.84
C GLN A 238 -28.79 11.96 8.55
N ALA A 239 -27.66 11.31 8.28
CA ALA A 239 -27.39 10.01 8.90
C ALA A 239 -27.26 10.12 10.41
N ASN A 240 -26.71 11.23 10.90
CA ASN A 240 -26.64 11.44 12.35
C ASN A 240 -28.02 11.72 12.93
N ALA A 241 -28.90 12.39 12.17
CA ALA A 241 -30.24 12.69 12.67
C ALA A 241 -31.15 11.46 12.60
N ARG A 242 -30.95 10.58 11.62
CA ARG A 242 -31.68 9.32 11.54
C ARG A 242 -31.22 8.30 12.56
N ALA A 243 -30.07 8.51 13.19
CA ALA A 243 -29.39 7.45 13.92
C ALA A 243 -30.26 6.90 15.05
N VAL A 244 -30.51 5.59 14.99
CA VAL A 244 -31.19 4.86 16.06
C VAL A 244 -30.32 3.66 16.41
N ALA A 245 -30.50 3.15 17.63
CA ALA A 245 -29.69 2.05 18.13
C ALA A 245 -30.51 1.24 19.12
N PRO A 246 -30.33 -0.07 19.15
CA PRO A 246 -31.14 -0.92 20.03
C PRO A 246 -30.62 -0.93 21.45
N ALA A 247 -31.40 -1.58 22.33
CA ALA A 247 -31.02 -1.82 23.72
C ALA A 247 -30.67 -0.55 24.47
N GLY A 248 -31.30 0.56 24.10
CA GLY A 248 -30.98 1.83 24.73
C GLY A 248 -29.55 2.28 24.58
N LYS A 249 -28.84 1.76 23.58
CA LYS A 249 -27.44 2.10 23.37
C LYS A 249 -27.31 3.34 22.49
N ARG A 250 -26.12 3.91 22.50
CA ARG A 250 -25.86 5.10 21.70
C ARG A 250 -25.50 4.68 20.27
N PRO A 251 -26.13 5.28 19.26
CA PRO A 251 -25.79 4.93 17.87
C PRO A 251 -24.44 5.52 17.49
N GLY A 252 -23.85 4.91 16.45
CA GLY A 252 -22.58 5.42 15.95
C GLY A 252 -22.72 6.81 15.37
N GLU A 253 -21.64 7.58 15.45
CA GLU A 253 -21.62 8.97 15.01
C GLU A 253 -20.84 9.07 13.71
N VAL A 254 -21.46 9.63 12.68
CA VAL A 254 -20.81 9.89 11.41
C VAL A 254 -20.25 11.30 11.43
N PHE A 255 -19.08 11.49 10.83
CA PHE A 255 -18.51 12.82 10.74
C PHE A 255 -17.55 12.89 9.55
N ILE A 256 -17.47 14.07 8.95
CA ILE A 256 -16.53 14.35 7.88
C ILE A 256 -15.66 15.52 8.30
N ARG A 257 -14.35 15.39 8.06
CA ARG A 257 -13.39 16.39 8.50
C ARG A 257 -13.41 17.59 7.58
N GLY A 258 -13.54 18.78 8.16
CA GLY A 258 -13.46 20.01 7.37
C GLY A 258 -12.01 20.43 7.14
N PHE A 259 -11.75 20.91 5.92
CA PHE A 259 -10.40 21.29 5.54
C PHE A 259 -9.99 22.60 6.22
N ARG A 260 -8.69 22.72 6.50
CA ARG A 260 -8.16 23.89 7.13
C ARG A 260 -6.69 23.97 6.74
N PRO A 261 -6.26 25.08 6.15
CA PRO A 261 -4.87 25.15 5.69
C PRO A 261 -3.91 25.17 6.86
N PRO A 262 -2.71 24.64 6.69
CA PRO A 262 -1.69 24.74 7.75
C PRO A 262 -1.28 26.19 7.95
N SER A 263 -1.02 26.55 9.21
CA SER A 263 -0.72 27.93 9.56
C SER A 263 0.37 28.02 10.61
N GLY A 264 1.29 27.08 10.65
CA GLY A 264 2.44 27.15 11.53
C GLY A 264 3.53 28.04 10.96
N LEU A 265 4.59 28.20 11.76
CA LEU A 265 5.72 29.03 11.34
C LEU A 265 6.41 28.44 10.11
N ARG A 266 6.49 27.12 10.02
CA ARG A 266 7.16 26.49 8.90
C ARG A 266 6.29 26.41 7.65
N CYS A 267 4.97 26.50 7.80
CA CYS A 267 4.07 26.21 6.69
C CYS A 267 4.06 27.31 5.64
N GLY A 268 4.47 28.53 5.99
CA GLY A 268 4.42 29.63 5.04
C GLY A 268 5.30 29.39 3.82
N THR A 269 6.50 28.83 4.05
CA THR A 269 7.45 28.56 2.98
C THR A 269 7.68 27.07 2.77
N CYS A 270 6.74 26.22 3.18
CA CYS A 270 6.86 24.78 2.97
C CYS A 270 6.39 24.43 1.57
N ARG A 271 7.27 23.78 0.80
CA ARG A 271 6.99 23.39 -0.57
C ARG A 271 5.81 22.42 -0.69
N ASP A 272 5.39 21.80 0.41
CA ASP A 272 4.31 20.82 0.38
C ASP A 272 3.06 21.33 1.09
N ALA A 273 2.96 22.64 1.29
CA ALA A 273 1.80 23.21 1.99
C ALA A 273 0.50 22.93 1.26
N ALA A 274 0.52 22.94 -0.08
CA ALA A 274 -0.69 22.66 -0.83
C ALA A 274 -1.17 21.23 -0.68
N ARG A 275 -0.28 20.31 -0.29
CA ARG A 275 -0.64 18.91 -0.11
C ARG A 275 -0.77 18.52 1.35
N CYS A 276 -0.71 19.50 2.26
CA CYS A 276 -0.86 19.24 3.69
C CYS A 276 -2.34 19.38 4.02
N MET A 277 -3.07 18.28 3.93
CA MET A 277 -4.51 18.28 4.12
C MET A 277 -4.96 17.48 5.33
N GLU A 278 -4.03 16.93 6.11
CA GLU A 278 -4.40 16.14 7.28
C GLU A 278 -5.00 17.04 8.36
N GLN A 279 -6.13 16.63 8.92
CA GLN A 279 -6.80 17.39 9.96
C GLN A 279 -6.65 16.80 11.35
N SER A 280 -6.33 15.52 11.47
CA SER A 280 -6.01 14.90 12.74
C SER A 280 -4.49 14.81 12.83
N HIS A 281 -3.88 15.81 13.46
CA HIS A 281 -2.43 15.90 13.50
C HIS A 281 -1.86 15.05 14.63
N SER A 282 -0.62 14.62 14.46
CA SER A 282 0.03 13.72 15.42
C SER A 282 1.53 13.72 15.17
N LEU A 283 2.28 13.38 16.22
CA LEU A 283 3.68 13.03 16.07
C LEU A 283 3.79 11.57 15.63
N ARG A 284 4.50 11.34 14.54
CA ARG A 284 4.63 10.01 13.97
C ARG A 284 6.00 9.42 14.28
N LEU A 285 6.03 8.10 14.49
CA LEU A 285 7.25 7.31 14.52
C LEU A 285 7.04 6.13 13.59
N GLY A 286 7.73 6.14 12.45
CA GLY A 286 7.55 5.09 11.47
C GLY A 286 8.24 3.80 11.84
N ALA A 287 8.00 2.77 11.03
CA ALA A 287 8.64 1.48 11.21
C ALA A 287 10.12 1.51 10.90
N ASP A 288 10.62 2.61 10.32
CA ASP A 288 12.04 2.80 10.07
C ASP A 288 12.72 3.61 11.16
N MET A 289 12.10 3.68 12.34
CA MET A 289 12.60 4.45 13.48
C MET A 289 12.84 5.91 13.11
N LYS A 290 12.00 6.46 12.24
CA LYS A 290 12.08 7.83 11.78
C LYS A 290 10.92 8.62 12.38
N PHE A 291 11.23 9.60 13.23
CA PHE A 291 10.22 10.50 13.74
C PHE A 291 9.76 11.45 12.64
N ARG A 292 8.45 11.68 12.58
CA ARG A 292 7.84 12.53 11.55
C ARG A 292 6.88 13.50 12.21
N PRO A 293 7.24 14.78 12.34
CA PRO A 293 6.28 15.77 12.85
C PRO A 293 5.23 16.14 11.81
N CYS A 294 5.49 15.89 10.54
CA CYS A 294 4.57 16.20 9.47
C CYS A 294 4.42 14.97 8.57
N LEU A 295 3.31 14.95 7.83
CA LEU A 295 3.05 13.91 6.84
C LEU A 295 3.42 14.34 5.43
N ALA A 296 3.15 15.59 5.06
CA ALA A 296 3.29 16.01 3.67
C ALA A 296 4.74 16.24 3.29
N THR A 297 5.60 16.55 4.27
CA THR A 297 7.00 16.79 3.98
C THR A 297 7.89 15.96 4.89
N ARG A 298 9.10 15.66 4.39
CA ARG A 298 10.10 14.92 5.14
C ARG A 298 11.21 15.83 5.67
N ASP A 299 11.09 17.14 5.49
CA ASP A 299 12.19 18.04 5.85
C ASP A 299 12.47 18.04 7.35
N TRP A 300 11.47 17.75 8.16
CA TRP A 300 11.61 17.85 9.61
C TRP A 300 11.74 16.50 10.30
N ASP A 301 11.97 15.44 9.55
CA ASP A 301 12.16 14.12 10.16
C ASP A 301 13.42 14.09 11.00
N SER A 302 13.41 13.25 12.03
CA SER A 302 14.56 13.03 12.88
C SER A 302 14.68 11.53 13.15
N TRP A 303 15.89 11.12 13.53
CA TRP A 303 16.18 9.71 13.77
C TRP A 303 15.86 9.33 15.22
N PHE A 304 15.41 8.09 15.40
CA PHE A 304 15.33 7.51 16.73
C PHE A 304 16.74 7.26 17.25
N THR A 305 17.02 7.76 18.46
CA THR A 305 18.35 7.67 19.03
C THR A 305 18.37 6.73 20.22
N GLU A 306 19.50 6.04 20.39
CA GLU A 306 19.69 5.17 21.54
C GLU A 306 20.01 5.94 22.80
N GLU A 307 20.39 7.22 22.66
CA GLU A 307 20.72 8.08 23.79
C GLU A 307 19.88 9.34 23.73
N ASP A 308 19.62 9.92 24.90
CA ASP A 308 18.90 11.19 25.02
C ASP A 308 17.58 11.16 24.26
N LEU A 309 16.83 10.07 24.45
CA LEU A 309 15.58 9.90 23.72
C LEU A 309 14.53 10.91 24.16
N ASP A 310 14.55 11.33 25.43
CA ASP A 310 13.56 12.29 25.90
C ASP A 310 13.69 13.62 25.17
N ALA A 311 14.92 14.07 24.93
CA ALA A 311 15.09 15.33 24.22
C ALA A 311 14.79 15.20 22.73
N THR A 312 15.10 14.04 22.15
CA THR A 312 14.79 13.80 20.75
C THR A 312 13.28 13.77 20.51
N VAL A 313 12.54 13.10 21.38
CA VAL A 313 11.09 13.07 21.25
C VAL A 313 10.49 14.45 21.49
N ARG A 314 11.05 15.19 22.44
CA ARG A 314 10.53 16.52 22.74
C ARG A 314 10.74 17.47 21.57
N GLU A 315 11.89 17.40 20.89
CA GLU A 315 12.14 18.30 19.78
C GLU A 315 11.23 18.00 18.60
N ALA A 316 11.03 16.71 18.29
CA ALA A 316 10.09 16.35 17.24
C ALA A 316 8.65 16.69 17.62
N ALA A 317 8.31 16.58 18.90
CA ALA A 317 6.96 16.96 19.33
C ALA A 317 6.75 18.47 19.26
N LEU A 318 7.81 19.25 19.49
CA LEU A 318 7.70 20.70 19.35
C LEU A 318 7.40 21.10 17.91
N LEU A 319 8.04 20.43 16.95
CA LEU A 319 7.75 20.68 15.55
C LEU A 319 6.37 20.16 15.17
N ALA A 320 5.89 19.11 15.85
CA ALA A 320 4.58 18.56 15.56
C ALA A 320 3.45 19.53 15.89
N LEU A 321 3.69 20.47 16.83
CA LEU A 321 2.68 21.48 17.13
C LEU A 321 2.56 22.49 16.01
N ASP A 322 3.62 22.71 15.25
CA ASP A 322 3.73 23.86 14.35
C ASP A 322 2.89 23.61 13.10
N TYR A 323 1.58 23.83 13.23
CA TYR A 323 0.67 23.79 12.10
C TYR A 323 -0.52 24.71 12.35
N ARG A 324 -0.70 25.13 13.60
CA ARG A 324 -1.79 26.03 13.97
C ARG A 324 -1.41 26.74 15.26
N TRP A 325 -1.52 28.06 15.27
CA TRP A 325 -1.24 28.85 16.46
C TRP A 325 -2.35 29.87 16.71
N GLN B 16 3.39 18.73 -27.38
CA GLN B 16 2.79 17.70 -28.23
C GLN B 16 3.68 17.38 -29.43
N GLU B 17 4.35 18.41 -29.97
CA GLU B 17 5.20 18.22 -31.14
C GLU B 17 6.31 17.22 -30.87
N LYS B 18 6.79 17.14 -29.63
CA LYS B 18 7.85 16.19 -29.31
C LYS B 18 7.30 14.77 -29.24
N ARG B 19 6.00 14.62 -28.96
CA ARG B 19 5.43 13.28 -28.85
C ARG B 19 5.43 12.58 -30.20
N ASP B 20 4.95 13.25 -31.24
CA ASP B 20 5.01 12.69 -32.59
C ASP B 20 6.43 12.64 -33.13
N SER B 21 7.32 13.50 -32.63
CA SER B 21 8.69 13.53 -33.15
C SER B 21 9.48 12.31 -32.67
N VAL B 22 9.38 11.99 -31.37
CA VAL B 22 10.10 10.84 -30.85
C VAL B 22 9.42 9.53 -31.23
N VAL B 23 8.12 9.56 -31.55
CA VAL B 23 7.47 8.37 -32.09
C VAL B 23 8.11 7.98 -33.41
N SER B 24 8.34 8.96 -34.28
CA SER B 24 9.06 8.69 -35.52
C SER B 24 10.53 8.37 -35.25
N GLU B 25 11.13 9.03 -34.26
CA GLU B 25 12.51 8.72 -33.90
C GLU B 25 12.65 7.28 -33.43
N ILE B 26 11.70 6.81 -32.62
CA ILE B 26 11.71 5.41 -32.21
C ILE B 26 11.47 4.50 -33.41
N GLU B 27 10.56 4.90 -34.31
CA GLU B 27 10.33 4.10 -35.50
C GLU B 27 11.56 4.08 -36.40
N GLN B 28 12.40 5.11 -36.33
CA GLN B 28 13.63 5.10 -37.10
C GLN B 28 14.61 4.06 -36.53
N LYS B 29 14.73 4.00 -35.21
CA LYS B 29 15.51 2.96 -34.57
C LYS B 29 14.87 1.57 -34.72
N LEU B 30 13.60 1.49 -35.12
CA LEU B 30 12.99 0.19 -35.37
C LEU B 30 13.48 -0.40 -36.69
N THR B 31 13.46 0.40 -37.76
CA THR B 31 13.92 -0.09 -39.05
C THR B 31 15.44 -0.16 -39.12
N ASP B 32 16.15 0.67 -38.34
CA ASP B 32 17.61 0.58 -38.28
C ASP B 32 18.07 -0.79 -37.80
N ARG B 33 17.32 -1.41 -36.89
CA ARG B 33 17.63 -2.73 -36.39
C ARG B 33 16.89 -3.83 -37.14
N HIS B 34 16.12 -3.47 -38.18
CA HIS B 34 15.32 -4.42 -38.96
C HIS B 34 14.35 -5.17 -38.04
N GLN B 35 13.48 -4.40 -37.39
CA GLN B 35 12.52 -4.95 -36.44
C GLN B 35 11.22 -4.17 -36.52
N THR B 36 10.12 -4.88 -36.28
CA THR B 36 8.81 -4.27 -36.12
C THR B 36 8.54 -4.07 -34.63
N LEU B 37 7.36 -3.52 -34.32
CA LEU B 37 6.97 -3.38 -32.92
C LEU B 37 6.84 -4.74 -32.25
N ALA B 38 6.25 -5.72 -32.95
CA ALA B 38 6.13 -7.06 -32.39
C ALA B 38 7.50 -7.71 -32.17
N ASP B 39 8.50 -7.34 -32.96
CA ASP B 39 9.83 -7.89 -32.77
C ASP B 39 10.54 -7.24 -31.57
N ALA B 40 10.44 -5.91 -31.44
CA ALA B 40 11.03 -5.24 -30.29
C ALA B 40 10.33 -5.61 -28.99
N ILE B 41 9.02 -5.89 -29.07
CA ILE B 41 8.30 -6.40 -27.89
C ILE B 41 8.81 -7.78 -27.51
N ARG B 42 8.99 -8.66 -28.51
CA ARG B 42 9.45 -10.01 -28.24
C ARG B 42 10.87 -10.02 -27.69
N GLU B 43 11.74 -9.15 -28.22
CA GLU B 43 13.13 -9.12 -27.77
C GLU B 43 13.21 -8.65 -26.32
N ARG B 44 12.48 -7.60 -25.98
CA ARG B 44 12.46 -7.05 -24.63
C ARG B 44 11.59 -7.85 -23.67
N GLU B 45 10.83 -8.83 -24.17
CA GLU B 45 9.85 -9.57 -23.37
C GLU B 45 8.85 -8.61 -22.73
N LEU B 46 8.50 -7.54 -23.43
CA LEU B 46 7.54 -6.58 -22.93
C LEU B 46 6.16 -7.21 -22.86
N TYR B 47 5.46 -6.96 -21.75
CA TYR B 47 4.14 -7.53 -21.52
C TYR B 47 3.18 -6.39 -21.21
N PHE B 48 1.89 -6.74 -21.14
CA PHE B 48 0.83 -5.78 -20.88
C PHE B 48 0.46 -5.83 -19.42
N ARG B 49 0.68 -4.74 -18.70
CA ARG B 49 0.46 -4.65 -17.27
C ARG B 49 -0.79 -3.82 -17.04
N MET B 50 -1.91 -4.50 -16.77
CA MET B 50 -3.20 -3.82 -16.62
C MET B 50 -3.59 -3.79 -15.14
N SER B 51 -3.81 -2.59 -14.62
CA SER B 51 -4.24 -2.39 -13.24
C SER B 51 -5.77 -2.42 -13.19
N VAL B 52 -6.32 -3.42 -12.49
CA VAL B 52 -7.77 -3.55 -12.37
C VAL B 52 -8.29 -3.03 -11.04
N VAL B 53 -7.41 -2.70 -10.10
CA VAL B 53 -7.79 -2.13 -8.80
C VAL B 53 -6.84 -0.97 -8.50
N GLY B 54 -7.39 0.13 -8.01
CA GLY B 54 -6.57 1.29 -7.72
C GLY B 54 -5.86 1.25 -6.39
N THR B 55 -6.41 0.52 -5.43
CA THR B 55 -5.84 0.46 -4.09
C THR B 55 -6.18 -0.86 -3.40
N THR B 70 -10.16 3.30 -8.54
CA THR B 70 -10.55 2.45 -9.66
C THR B 70 -11.70 3.08 -10.45
N SER B 71 -11.43 3.45 -11.69
CA SER B 71 -12.43 4.08 -12.53
C SER B 71 -13.50 3.08 -12.95
N GLY B 72 -14.72 3.58 -13.14
CA GLY B 72 -15.81 2.73 -13.59
C GLY B 72 -15.59 2.14 -14.95
N LYS B 73 -14.76 2.76 -15.78
CA LYS B 73 -14.48 2.23 -17.10
C LYS B 73 -13.60 0.99 -17.06
N MET B 74 -12.89 0.75 -15.96
CA MET B 74 -12.05 -0.45 -15.80
C MET B 74 -12.97 -1.63 -15.52
N ASN B 75 -13.58 -2.15 -16.59
CA ASN B 75 -14.54 -3.24 -16.53
C ASN B 75 -14.11 -4.33 -17.50
N ALA B 76 -14.93 -5.38 -17.60
CA ALA B 76 -14.58 -6.51 -18.45
C ALA B 76 -14.68 -6.17 -19.93
N GLU B 77 -15.55 -5.22 -20.30
CA GLU B 77 -15.68 -4.86 -21.70
C GLU B 77 -14.47 -4.06 -22.19
N ASN B 78 -14.14 -2.98 -21.48
CA ASN B 78 -12.99 -2.17 -21.89
C ASN B 78 -11.69 -2.95 -21.77
N ALA B 79 -11.62 -3.92 -20.86
CA ALA B 79 -10.44 -4.77 -20.79
C ALA B 79 -10.30 -5.60 -22.06
N ASP B 80 -11.42 -6.10 -22.59
CA ASP B 80 -11.37 -6.89 -23.81
C ASP B 80 -10.86 -6.06 -24.97
N ARG B 81 -11.30 -4.80 -25.06
CA ARG B 81 -10.86 -3.94 -26.15
C ARG B 81 -9.40 -3.55 -26.00
N ALA B 82 -8.95 -3.30 -24.76
CA ALA B 82 -7.56 -2.92 -24.54
C ALA B 82 -6.62 -4.10 -24.76
N ILE B 83 -7.01 -5.29 -24.30
CA ILE B 83 -6.17 -6.47 -24.52
C ILE B 83 -6.19 -6.87 -25.99
N ALA B 84 -7.32 -6.65 -26.68
CA ALA B 84 -7.35 -6.89 -28.12
C ALA B 84 -6.45 -5.92 -28.86
N ALA B 85 -6.41 -4.66 -28.40
CA ALA B 85 -5.52 -3.68 -29.02
C ALA B 85 -4.07 -3.90 -28.64
N ALA B 86 -3.81 -4.61 -27.53
CA ALA B 86 -2.44 -4.94 -27.17
C ALA B 86 -1.93 -6.12 -27.99
N VAL B 87 -2.79 -7.12 -28.23
CA VAL B 87 -2.40 -8.24 -29.09
C VAL B 87 -2.16 -7.75 -30.52
N ARG B 88 -2.94 -6.77 -30.97
CA ARG B 88 -2.71 -6.20 -32.30
C ARG B 88 -1.36 -5.49 -32.36
N ALA B 89 -0.96 -4.84 -31.28
CA ALA B 89 0.33 -4.16 -31.26
C ALA B 89 1.49 -5.13 -31.15
N GLY B 90 1.24 -6.38 -30.80
CA GLY B 90 2.27 -7.39 -30.69
C GLY B 90 2.56 -7.93 -29.29
N PHE B 91 1.67 -7.69 -28.32
CA PHE B 91 1.88 -8.21 -26.98
C PHE B 91 1.40 -9.65 -26.87
N THR B 92 2.12 -10.45 -26.09
CA THR B 92 1.79 -11.86 -25.91
C THR B 92 1.59 -12.24 -24.45
N ARG B 93 1.86 -11.35 -23.50
CA ARG B 93 1.67 -11.64 -22.09
C ARG B 93 0.89 -10.49 -21.44
N VAL B 94 -0.10 -10.84 -20.63
CA VAL B 94 -0.93 -9.88 -19.92
C VAL B 94 -0.83 -10.17 -18.43
N GLN B 95 -0.50 -9.15 -17.65
CA GLN B 95 -0.38 -9.26 -16.19
C GLN B 95 -1.40 -8.34 -15.54
N LEU B 96 -2.30 -8.92 -14.75
CA LEU B 96 -3.32 -8.17 -14.04
C LEU B 96 -2.74 -7.68 -12.71
N THR B 97 -2.67 -6.37 -12.53
CA THR B 97 -1.99 -5.77 -11.38
C THR B 97 -2.92 -4.77 -10.69
N GLY B 98 -2.32 -3.85 -9.95
CA GLY B 98 -3.01 -2.84 -9.18
C GLY B 98 -2.62 -2.90 -7.72
N GLY B 99 -3.41 -2.21 -6.89
CA GLY B 99 -3.22 -2.30 -5.46
C GLY B 99 -3.37 -3.72 -4.98
N GLU B 100 -4.57 -4.28 -5.15
CA GLU B 100 -4.80 -5.70 -4.89
C GLU B 100 -5.84 -6.18 -5.89
N PRO B 101 -5.43 -6.88 -6.95
CA PRO B 101 -6.39 -7.29 -7.98
C PRO B 101 -7.47 -8.24 -7.47
N LEU B 102 -7.16 -9.05 -6.46
CA LEU B 102 -8.14 -9.97 -5.89
C LEU B 102 -9.14 -9.27 -4.97
N LEU B 103 -9.08 -7.94 -4.85
CA LEU B 103 -10.03 -7.22 -4.01
C LEU B 103 -11.42 -7.25 -4.61
N ARG B 104 -11.52 -7.12 -5.93
CA ARG B 104 -12.80 -7.15 -6.61
C ARG B 104 -13.23 -8.59 -6.88
N GLN B 105 -14.50 -8.88 -6.63
CA GLN B 105 -15.00 -10.24 -6.73
C GLN B 105 -15.05 -10.75 -8.17
N ASP B 106 -15.05 -9.84 -9.15
CA ASP B 106 -15.09 -10.22 -10.56
C ASP B 106 -13.71 -10.33 -11.17
N ILE B 107 -12.69 -10.66 -10.38
CA ILE B 107 -11.33 -10.74 -10.91
C ILE B 107 -11.20 -11.88 -11.91
N ASP B 108 -11.92 -12.99 -11.69
CA ASP B 108 -11.86 -14.09 -12.64
C ASP B 108 -12.49 -13.74 -13.98
N ASP B 109 -13.39 -12.76 -14.03
CA ASP B 109 -13.90 -12.28 -15.31
C ASP B 109 -12.77 -11.68 -16.15
N PHE B 110 -11.89 -10.91 -15.52
CA PHE B 110 -10.77 -10.31 -16.24
C PHE B 110 -9.78 -11.36 -16.73
N VAL B 111 -9.60 -12.45 -15.98
CA VAL B 111 -8.76 -13.54 -16.44
C VAL B 111 -9.38 -14.22 -17.65
N ARG B 112 -10.67 -14.50 -17.57
CA ARG B 112 -11.38 -15.12 -18.69
C ARG B 112 -11.32 -14.25 -19.93
N VAL B 113 -11.49 -12.94 -19.77
CA VAL B 113 -11.44 -12.02 -20.91
C VAL B 113 -10.04 -12.03 -21.54
N ALA B 114 -9.00 -11.96 -20.70
CA ALA B 114 -7.64 -11.95 -21.22
C ALA B 114 -7.29 -13.27 -21.91
N ARG B 115 -7.85 -14.39 -21.43
CA ARG B 115 -7.56 -15.69 -22.04
C ARG B 115 -8.08 -15.79 -23.47
N ARG B 116 -9.06 -14.98 -23.83
CA ARG B 116 -9.58 -14.99 -25.19
C ARG B 116 -8.61 -14.39 -26.21
N HIS B 117 -7.54 -13.74 -25.74
CA HIS B 117 -6.58 -13.11 -26.63
C HIS B 117 -5.16 -13.63 -26.46
N VAL B 118 -4.76 -14.03 -25.25
CA VAL B 118 -3.45 -14.63 -25.01
C VAL B 118 -3.63 -15.84 -24.10
N ASP B 119 -2.59 -16.68 -24.06
CA ASP B 119 -2.55 -17.77 -23.10
C ASP B 119 -1.82 -17.40 -21.82
N ASP B 120 -0.92 -16.42 -21.88
CA ASP B 120 -0.10 -16.05 -20.73
C ASP B 120 -0.80 -14.92 -19.99
N VAL B 121 -1.62 -15.28 -19.02
CA VAL B 121 -2.34 -14.34 -18.17
C VAL B 121 -1.87 -14.55 -16.74
N GLY B 122 -1.36 -13.49 -16.11
CA GLY B 122 -0.87 -13.57 -14.76
C GLY B 122 -1.53 -12.54 -13.86
N VAL B 123 -1.37 -12.75 -12.56
CA VAL B 123 -1.93 -11.88 -11.53
C VAL B 123 -0.86 -11.61 -10.48
N THR B 124 -0.63 -10.34 -10.17
CA THR B 124 0.28 -9.94 -9.11
C THR B 124 -0.56 -9.56 -7.89
N THR B 125 -0.47 -10.37 -6.83
CA THR B 125 -1.30 -10.21 -5.64
C THR B 125 -0.42 -10.33 -4.41
N ASN B 126 -0.99 -9.91 -3.27
CA ASN B 126 -0.35 -10.16 -1.98
C ASN B 126 -0.75 -11.50 -1.38
N GLY B 127 -1.67 -12.22 -2.01
CA GLY B 127 -1.98 -13.59 -1.63
C GLY B 127 -3.05 -13.77 -0.57
N THR B 128 -3.39 -12.72 0.19
CA THR B 128 -4.31 -12.87 1.30
C THR B 128 -5.71 -13.29 0.86
N TYR B 129 -6.10 -12.98 -0.37
CA TYR B 129 -7.40 -13.35 -0.90
C TYR B 129 -7.37 -14.62 -1.75
N LEU B 130 -6.22 -15.30 -1.83
CA LEU B 130 -6.12 -16.51 -2.64
C LEU B 130 -7.02 -17.64 -2.17
N PRO B 131 -7.14 -17.95 -0.87
CA PRO B 131 -8.07 -19.01 -0.46
C PRO B 131 -9.51 -18.76 -0.87
N LYS B 132 -9.88 -17.53 -1.20
CA LYS B 132 -11.24 -17.21 -1.60
C LYS B 132 -11.44 -17.15 -3.11
N ARG B 133 -10.36 -17.01 -3.89
CA ARG B 133 -10.48 -16.90 -5.33
C ARG B 133 -9.66 -17.93 -6.11
N LEU B 134 -8.97 -18.86 -5.43
CA LEU B 134 -8.06 -19.75 -6.14
C LEU B 134 -8.79 -20.64 -7.13
N ASP B 135 -9.92 -21.23 -6.71
CA ASP B 135 -10.67 -22.10 -7.62
C ASP B 135 -11.19 -21.32 -8.83
N ALA B 136 -11.70 -20.11 -8.60
CA ALA B 136 -12.25 -19.34 -9.71
C ALA B 136 -11.14 -18.87 -10.67
N LEU B 137 -9.98 -18.49 -10.12
CA LEU B 137 -8.88 -18.05 -10.96
C LEU B 137 -8.34 -19.19 -11.81
N VAL B 138 -8.14 -20.36 -11.22
CA VAL B 138 -7.64 -21.51 -11.97
C VAL B 138 -8.66 -21.93 -13.04
N ASP B 139 -9.95 -21.87 -12.71
CA ASP B 139 -10.97 -22.25 -13.68
C ASP B 139 -10.97 -21.29 -14.88
N ALA B 140 -10.72 -20.00 -14.62
CA ALA B 140 -10.67 -19.03 -15.70
C ALA B 140 -9.42 -19.19 -16.58
N GLY B 141 -8.45 -19.98 -16.15
CA GLY B 141 -7.28 -20.24 -16.95
C GLY B 141 -6.09 -19.37 -16.61
N LEU B 142 -5.90 -19.08 -15.32
CA LEU B 142 -4.75 -18.27 -14.91
C LEU B 142 -3.46 -19.05 -15.10
N ALA B 143 -2.47 -18.42 -15.75
CA ALA B 143 -1.18 -19.05 -16.04
C ALA B 143 -0.12 -18.74 -15.00
N ARG B 144 -0.08 -17.51 -14.48
CA ARG B 144 0.93 -17.12 -13.52
C ARG B 144 0.27 -16.50 -12.30
N ILE B 145 0.88 -16.75 -11.13
CA ILE B 145 0.48 -16.13 -9.88
C ILE B 145 1.75 -15.62 -9.22
N HIS B 146 1.94 -14.31 -9.21
CA HIS B 146 3.06 -13.68 -8.53
C HIS B 146 2.58 -13.14 -7.19
N VAL B 147 3.12 -13.69 -6.10
CA VAL B 147 2.73 -13.30 -4.75
C VAL B 147 3.80 -12.38 -4.20
N SER B 148 3.42 -11.15 -3.85
CA SER B 148 4.31 -10.20 -3.19
C SER B 148 4.28 -10.45 -1.70
N LEU B 149 5.36 -11.02 -1.18
CA LEU B 149 5.43 -11.43 0.21
C LEU B 149 5.87 -10.28 1.11
N GLN B 150 5.47 -10.36 2.37
CA GLN B 150 5.98 -9.50 3.43
C GLN B 150 6.67 -10.38 4.46
N THR B 151 7.63 -9.78 5.19
CA THR B 151 8.41 -10.57 6.14
C THR B 151 7.62 -10.99 7.37
N GLU B 152 6.56 -10.24 7.73
CA GLU B 152 5.82 -10.58 8.95
C GLU B 152 5.11 -11.93 8.86
N PRO B 153 4.33 -12.24 7.82
CA PRO B 153 3.71 -13.57 7.77
C PRO B 153 4.71 -14.71 7.64
N LEU B 154 5.93 -14.43 7.15
CA LEU B 154 6.95 -15.48 7.07
C LEU B 154 7.48 -15.84 8.45
N GLU B 155 7.65 -14.85 9.32
CA GLU B 155 8.08 -15.12 10.68
C GLU B 155 6.98 -15.83 11.48
N GLU B 156 5.72 -15.45 11.24
CA GLU B 156 4.63 -16.09 11.97
C GLU B 156 4.46 -17.54 11.54
N ALA B 157 4.62 -17.81 10.24
CA ALA B 157 4.52 -19.17 9.75
C ALA B 157 5.79 -19.96 10.03
N GLY B 158 6.94 -19.30 9.99
CA GLY B 158 8.20 -19.94 10.26
C GLY B 158 8.33 -20.33 11.73
N GLU B 159 9.54 -20.75 12.10
CA GLU B 159 9.79 -21.33 13.41
C GLU B 159 10.95 -20.61 14.09
N ASN B 160 10.65 -19.85 15.15
CA ASN B 160 11.65 -19.26 16.03
C ASN B 160 12.70 -18.46 15.26
N GLY B 161 12.24 -17.71 14.27
CA GLY B 161 13.15 -16.92 13.45
C GLY B 161 13.14 -17.33 12.00
N ALA B 162 13.30 -18.63 11.74
CA ALA B 162 13.27 -19.14 10.38
C ALA B 162 11.95 -18.77 9.70
N TRP B 163 11.98 -18.72 8.38
CA TRP B 163 10.82 -18.32 7.61
C TRP B 163 10.02 -19.54 7.15
N GLY B 164 8.72 -19.34 6.98
CA GLY B 164 7.83 -20.40 6.56
C GLY B 164 6.74 -19.86 5.66
N ILE B 165 6.20 -20.75 4.85
CA ILE B 165 5.08 -20.39 3.97
C ILE B 165 3.82 -20.18 4.82
N PRO B 166 3.16 -19.04 4.71
CA PRO B 166 1.93 -18.83 5.49
C PRO B 166 0.85 -19.82 5.11
N ASP B 167 -0.07 -20.06 6.06
CA ASP B 167 -1.09 -21.08 5.87
C ASP B 167 -2.02 -20.73 4.72
N TRP B 168 -2.32 -19.44 4.53
CA TRP B 168 -3.20 -19.02 3.45
C TRP B 168 -2.54 -19.10 2.07
N LEU B 169 -1.27 -19.49 1.99
CA LEU B 169 -0.61 -19.73 0.71
C LEU B 169 -0.33 -21.21 0.45
N LEU B 170 -0.55 -22.08 1.43
CA LEU B 170 -0.24 -23.50 1.24
C LEU B 170 -1.06 -24.15 0.12
N PRO B 171 -2.39 -24.00 0.05
CA PRO B 171 -3.12 -24.63 -1.05
C PRO B 171 -2.69 -24.15 -2.43
N THR B 172 -2.31 -22.87 -2.56
CA THR B 172 -1.85 -22.37 -3.85
C THR B 172 -0.52 -23.01 -4.25
N VAL B 173 0.36 -23.24 -3.28
CA VAL B 173 1.62 -23.94 -3.57
C VAL B 173 1.35 -25.37 -4.02
N GLU B 174 0.41 -26.06 -3.36
CA GLU B 174 0.06 -27.42 -3.78
C GLU B 174 -0.48 -27.44 -5.20
N ARG B 175 -1.34 -26.48 -5.55
CA ARG B 175 -1.98 -26.48 -6.85
C ARG B 175 -0.96 -26.20 -7.96
N ALA B 176 -0.01 -25.30 -7.70
CA ALA B 176 1.05 -25.03 -8.67
C ALA B 176 2.02 -26.20 -8.77
N ARG B 177 2.18 -26.95 -7.67
CA ARG B 177 3.09 -28.09 -7.69
C ARG B 177 2.61 -29.15 -8.68
N SER B 178 1.32 -29.18 -8.98
CA SER B 178 0.76 -30.12 -9.96
C SER B 178 0.75 -29.55 -11.37
N GLY B 179 1.49 -28.48 -11.63
CA GLY B 179 1.54 -27.90 -12.96
C GLY B 179 0.30 -27.14 -13.40
N ALA B 180 -0.58 -26.77 -12.47
CA ALA B 180 -1.78 -26.03 -12.85
C ALA B 180 -1.45 -24.63 -13.33
N PHE B 181 -0.40 -24.01 -12.78
CA PHE B 181 0.00 -22.66 -13.15
C PHE B 181 1.40 -22.41 -12.60
N SER B 182 2.04 -21.38 -13.14
CA SER B 182 3.31 -20.92 -12.61
C SER B 182 3.09 -20.07 -11.36
N LEU B 183 4.03 -20.17 -10.42
CA LEU B 183 3.89 -19.52 -9.12
C LEU B 183 5.24 -18.93 -8.73
N ARG B 184 5.31 -17.60 -8.65
CA ARG B 184 6.51 -16.91 -8.22
C ARG B 184 6.24 -16.15 -6.93
N PHE B 185 7.22 -16.14 -6.03
CA PHE B 185 7.16 -15.37 -4.79
C PHE B 185 8.14 -14.21 -4.87
N ASN B 186 7.66 -13.01 -4.57
CA ASN B 186 8.52 -11.84 -4.47
C ASN B 186 8.99 -11.70 -3.03
N LEU B 187 10.28 -11.91 -2.81
CA LEU B 187 10.82 -12.02 -1.45
C LEU B 187 11.67 -10.82 -1.11
N PRO B 188 11.25 -9.95 -0.19
CA PRO B 188 12.13 -8.88 0.30
C PRO B 188 13.17 -9.45 1.24
N VAL B 189 14.42 -9.04 1.04
CA VAL B 189 15.55 -9.56 1.81
C VAL B 189 16.23 -8.39 2.51
N PRO B 190 15.93 -8.15 3.78
CA PRO B 190 16.70 -7.18 4.57
C PRO B 190 18.14 -7.64 4.73
N ALA B 191 18.97 -6.72 5.22
CA ALA B 191 20.39 -7.01 5.34
C ALA B 191 20.69 -8.05 6.41
N ASP B 192 19.83 -8.19 7.41
CA ASP B 192 20.05 -9.11 8.51
C ASP B 192 19.29 -10.42 8.35
N CYS B 193 18.73 -10.67 7.16
CA CYS B 193 17.92 -11.87 6.92
C CYS B 193 18.51 -12.76 5.83
N LEU B 194 19.77 -12.53 5.46
CA LEU B 194 20.38 -13.32 4.40
C LEU B 194 20.50 -14.79 4.81
N ASP B 195 20.78 -15.06 6.08
CA ASP B 195 20.82 -16.45 6.52
C ASP B 195 19.41 -17.03 6.59
N ARG B 196 18.43 -16.22 7.01
CA ARG B 196 17.05 -16.71 7.01
C ARG B 196 16.50 -16.83 5.61
N ALA B 197 16.95 -15.99 4.68
CA ALA B 197 16.49 -16.10 3.30
C ALA B 197 17.11 -17.30 2.60
N ASP B 198 18.38 -17.59 2.91
CA ASP B 198 19.07 -18.70 2.24
C ASP B 198 18.38 -20.03 2.56
N ALA B 199 18.04 -20.26 3.82
CA ALA B 199 17.34 -21.49 4.19
C ALA B 199 15.89 -21.46 3.70
N PHE B 200 15.31 -20.28 3.52
CA PHE B 200 13.93 -20.20 3.06
C PHE B 200 13.82 -20.44 1.56
N LEU B 201 14.84 -20.03 0.79
CA LEU B 201 14.83 -20.28 -0.65
C LEU B 201 14.78 -21.77 -0.96
N ASP B 202 15.41 -22.60 -0.13
CA ASP B 202 15.36 -24.05 -0.33
C ASP B 202 13.93 -24.56 -0.29
N LEU B 203 13.17 -24.15 0.73
CA LEU B 203 11.79 -24.60 0.87
C LEU B 203 10.94 -24.23 -0.35
N LEU B 204 11.22 -23.08 -0.96
CA LEU B 204 10.41 -22.65 -2.09
C LEU B 204 10.75 -23.40 -3.37
N THR B 205 12.05 -23.55 -3.67
CA THR B 205 12.43 -24.33 -4.83
C THR B 205 12.11 -25.82 -4.65
N PHE B 206 12.11 -26.29 -3.40
CA PHE B 206 11.74 -27.67 -3.11
C PHE B 206 10.32 -27.96 -3.58
N ASN B 207 9.43 -26.98 -3.50
CA ASN B 207 8.04 -27.15 -3.88
C ASN B 207 7.72 -26.57 -5.26
N GLY B 208 8.74 -26.23 -6.04
CA GLY B 208 8.54 -25.73 -7.38
C GLY B 208 8.20 -24.26 -7.47
N VAL B 209 8.49 -23.48 -6.45
CA VAL B 209 8.11 -22.07 -6.38
C VAL B 209 9.30 -21.24 -6.85
N ASP B 210 9.16 -20.57 -7.99
CA ASP B 210 10.15 -19.60 -8.42
C ASP B 210 10.16 -18.41 -7.45
N VAL B 211 11.34 -17.80 -7.28
CA VAL B 211 11.53 -16.73 -6.33
C VAL B 211 12.27 -15.58 -7.00
N LYS B 212 11.70 -14.38 -6.90
CA LYS B 212 12.38 -13.14 -7.28
C LYS B 212 12.73 -12.41 -5.99
N VAL B 213 14.03 -12.31 -5.70
CA VAL B 213 14.49 -11.63 -4.51
C VAL B 213 14.91 -10.22 -4.88
N PHE B 214 15.00 -9.35 -3.88
CA PHE B 214 15.40 -7.97 -4.10
C PHE B 214 15.87 -7.38 -2.78
N SER B 215 16.92 -6.57 -2.84
CA SER B 215 17.44 -5.95 -1.64
C SER B 215 16.53 -4.83 -1.17
N VAL B 216 16.42 -4.67 0.16
CA VAL B 216 15.58 -3.65 0.76
C VAL B 216 16.33 -3.03 1.94
N LEU B 217 15.87 -1.86 2.35
CA LEU B 217 16.44 -1.16 3.51
C LEU B 217 15.35 -0.73 4.47
N TYR B 227 24.44 -2.42 2.69
CA TYR B 227 23.76 -2.97 1.53
C TYR B 227 24.50 -4.17 0.96
N PRO B 228 24.38 -5.33 1.62
CA PRO B 228 25.15 -6.51 1.21
C PRO B 228 24.66 -7.08 -0.11
N LEU B 229 24.80 -6.32 -1.20
CA LEU B 229 24.29 -6.78 -2.48
C LEU B 229 25.06 -8.00 -2.97
N GLU B 230 26.38 -7.86 -3.16
CA GLU B 230 27.18 -8.92 -3.74
C GLU B 230 27.05 -10.24 -2.96
N ARG B 231 26.81 -10.16 -1.66
CA ARG B 231 26.58 -11.38 -0.89
C ARG B 231 25.20 -11.97 -1.21
N LEU B 232 24.22 -11.12 -1.52
CA LEU B 232 22.89 -11.60 -1.88
C LEU B 232 22.86 -12.15 -3.29
N GLU B 233 23.60 -11.52 -4.21
CA GLU B 233 23.63 -11.99 -5.60
C GLU B 233 24.23 -13.38 -5.69
N GLU B 234 25.27 -13.67 -4.89
CA GLU B 234 25.85 -15.00 -4.93
C GLU B 234 24.91 -16.03 -4.31
N ILE B 235 24.17 -15.64 -3.26
CA ILE B 235 23.20 -16.53 -2.64
C ILE B 235 22.13 -16.94 -3.65
N VAL B 236 21.80 -16.05 -4.58
CA VAL B 236 20.90 -16.42 -5.67
C VAL B 236 21.52 -17.52 -6.51
N GLU B 237 22.80 -17.37 -6.85
CA GLU B 237 23.47 -18.38 -7.67
C GLU B 237 23.66 -19.69 -6.93
N GLN B 238 23.90 -19.64 -5.62
CA GLN B 238 24.00 -20.85 -4.81
C GLN B 238 22.69 -21.63 -4.85
N ALA B 239 21.60 -20.99 -4.41
CA ALA B 239 20.31 -21.68 -4.33
C ALA B 239 19.80 -22.12 -5.69
N ASN B 240 20.20 -21.42 -6.76
CA ASN B 240 19.82 -21.85 -8.10
C ASN B 240 20.55 -23.13 -8.51
N ALA B 241 21.75 -23.35 -7.98
CA ALA B 241 22.53 -24.53 -8.37
C ALA B 241 22.08 -25.77 -7.62
N ARG B 242 21.69 -25.62 -6.36
CA ARG B 242 21.24 -26.73 -5.53
C ARG B 242 19.72 -26.92 -5.59
N ALA B 243 19.07 -26.40 -6.62
CA ALA B 243 17.62 -26.48 -6.76
C ALA B 243 17.21 -27.92 -7.05
N VAL B 244 16.69 -28.61 -6.03
CA VAL B 244 16.22 -29.98 -6.17
C VAL B 244 14.74 -30.02 -5.83
N ALA B 245 14.04 -31.01 -6.41
CA ALA B 245 12.61 -31.19 -6.19
C ALA B 245 12.31 -32.67 -6.18
N PRO B 246 11.33 -33.12 -5.39
CA PRO B 246 10.99 -34.54 -5.35
C PRO B 246 10.41 -35.03 -6.67
N ALA B 247 10.43 -36.35 -6.85
CA ALA B 247 9.91 -37.01 -8.04
C ALA B 247 10.48 -36.41 -9.31
N GLY B 248 9.67 -36.31 -10.35
CA GLY B 248 10.04 -35.64 -11.58
C GLY B 248 9.60 -34.20 -11.66
N LYS B 249 9.03 -33.65 -10.60
CA LYS B 249 8.55 -32.27 -10.61
C LYS B 249 9.72 -31.29 -10.74
N ARG B 250 9.46 -30.20 -11.44
CA ARG B 250 10.48 -29.18 -11.70
C ARG B 250 10.70 -28.31 -10.47
N PRO B 251 11.93 -28.11 -10.03
CA PRO B 251 12.19 -27.23 -8.89
C PRO B 251 12.06 -25.76 -9.29
N GLY B 252 11.76 -24.94 -8.29
CA GLY B 252 11.70 -23.50 -8.53
C GLY B 252 13.08 -22.92 -8.78
N GLU B 253 13.11 -21.83 -9.54
CA GLU B 253 14.35 -21.14 -9.83
C GLU B 253 14.36 -19.76 -9.16
N VAL B 254 15.55 -19.33 -8.75
CA VAL B 254 15.74 -18.08 -8.02
C VAL B 254 16.51 -17.11 -8.89
N PHE B 255 16.12 -15.84 -8.85
CA PHE B 255 16.77 -14.79 -9.61
C PHE B 255 16.62 -13.47 -8.87
N ILE B 256 17.32 -12.46 -9.37
CA ILE B 256 17.34 -11.13 -8.75
C ILE B 256 17.51 -10.08 -9.83
N ARG B 257 16.62 -9.08 -9.82
CA ARG B 257 16.70 -7.96 -10.74
C ARG B 257 17.27 -6.77 -9.98
N GLY B 258 18.28 -6.15 -10.56
CA GLY B 258 19.05 -5.14 -9.88
C GLY B 258 19.32 -3.93 -10.77
N PHE B 259 20.49 -3.32 -10.56
CA PHE B 259 20.81 -2.05 -11.19
C PHE B 259 21.08 -2.23 -12.68
N ARG B 260 20.39 -1.43 -13.51
CA ARG B 260 20.65 -1.30 -14.92
C ARG B 260 19.98 -0.02 -15.39
N PRO B 261 20.73 1.07 -15.53
CA PRO B 261 20.09 2.38 -15.73
C PRO B 261 19.40 2.44 -17.08
N PRO B 262 18.35 3.26 -17.21
CA PRO B 262 17.69 3.40 -18.51
C PRO B 262 18.60 4.09 -19.51
N SER B 263 18.52 3.65 -20.76
CA SER B 263 19.41 4.14 -21.82
C SER B 263 18.65 4.25 -23.14
N GLY B 264 17.49 4.93 -23.11
CA GLY B 264 16.71 5.16 -24.29
C GLY B 264 16.97 6.53 -24.90
N LEU B 265 16.17 6.86 -25.91
CA LEU B 265 16.32 8.13 -26.62
C LEU B 265 16.08 9.31 -25.68
N ARG B 266 14.89 9.37 -25.09
CA ARG B 266 14.54 10.47 -24.19
C ARG B 266 15.07 10.28 -22.77
N CYS B 267 15.75 9.17 -22.49
CA CYS B 267 16.26 8.94 -21.14
C CYS B 267 17.39 9.90 -20.80
N GLY B 268 18.24 10.21 -21.79
CA GLY B 268 19.32 11.16 -21.55
C GLY B 268 18.81 12.54 -21.20
N THR B 269 17.66 12.93 -21.76
CA THR B 269 17.01 14.19 -21.43
C THR B 269 15.93 14.05 -20.37
N CYS B 270 15.63 12.84 -19.91
CA CYS B 270 14.57 12.66 -18.92
C CYS B 270 14.92 13.34 -17.60
N ARG B 271 13.89 13.86 -16.92
CA ARG B 271 14.08 14.56 -15.65
C ARG B 271 13.97 13.66 -14.44
N ASP B 272 13.22 12.57 -14.52
CA ASP B 272 13.08 11.62 -13.43
C ASP B 272 13.85 10.34 -13.69
N ALA B 273 14.86 10.40 -14.55
CA ALA B 273 15.66 9.21 -14.85
C ALA B 273 16.42 8.73 -13.62
N ALA B 274 16.73 9.63 -12.69
CA ALA B 274 17.40 9.22 -11.46
C ALA B 274 16.54 8.30 -10.61
N ARG B 275 15.22 8.32 -10.79
CA ARG B 275 14.30 7.46 -10.06
C ARG B 275 13.79 6.29 -10.90
N CYS B 276 14.24 6.19 -12.15
CA CYS B 276 13.84 5.09 -13.02
C CYS B 276 14.54 3.80 -12.62
N MET B 277 13.90 3.01 -11.77
CA MET B 277 14.49 1.81 -11.19
C MET B 277 13.87 0.52 -11.73
N GLU B 278 12.82 0.61 -12.54
CA GLU B 278 12.14 -0.57 -13.04
C GLU B 278 13.02 -1.32 -14.03
N GLN B 279 13.02 -2.65 -13.90
CA GLN B 279 13.78 -3.53 -14.80
C GLN B 279 12.86 -4.36 -15.68
N SER B 280 11.95 -5.13 -15.09
CA SER B 280 10.96 -5.84 -15.89
C SER B 280 9.99 -4.83 -16.51
N HIS B 281 10.33 -4.34 -17.69
CA HIS B 281 9.55 -3.27 -18.31
C HIS B 281 8.27 -3.81 -18.92
N SER B 282 7.30 -2.91 -19.07
CA SER B 282 5.99 -3.25 -19.62
C SER B 282 5.28 -1.96 -20.01
N LEU B 283 4.19 -2.11 -20.76
CA LEU B 283 3.26 -1.03 -21.03
C LEU B 283 2.11 -1.13 -20.03
N ARG B 284 1.83 -0.03 -19.33
CA ARG B 284 0.84 -0.02 -18.27
C ARG B 284 -0.46 0.62 -18.73
N LEU B 285 -1.57 0.01 -18.33
CA LEU B 285 -2.90 0.61 -18.40
C LEU B 285 -3.42 0.66 -16.97
N GLY B 286 -3.30 1.82 -16.33
CA GLY B 286 -3.70 1.96 -14.95
C GLY B 286 -5.20 1.80 -14.76
N ALA B 287 -5.59 1.72 -13.48
CA ALA B 287 -7.00 1.64 -13.14
C ALA B 287 -7.77 2.91 -13.48
N ASP B 288 -7.08 3.99 -13.84
CA ASP B 288 -7.70 5.25 -14.21
C ASP B 288 -7.79 5.43 -15.72
N MET B 289 -7.72 4.33 -16.47
CA MET B 289 -7.75 4.31 -17.94
C MET B 289 -6.62 5.11 -18.57
N LYS B 290 -5.55 5.33 -17.82
CA LYS B 290 -4.40 6.10 -18.30
C LYS B 290 -3.27 5.16 -18.69
N PHE B 291 -2.85 5.21 -19.95
CA PHE B 291 -1.72 4.41 -20.40
C PHE B 291 -0.42 5.01 -19.89
N ARG B 292 0.50 4.13 -19.48
CA ARG B 292 1.77 4.55 -18.88
C ARG B 292 2.91 3.72 -19.48
N PRO B 293 3.60 4.23 -20.50
CA PRO B 293 4.78 3.53 -21.00
C PRO B 293 5.97 3.63 -20.05
N CYS B 294 5.97 4.58 -19.13
CA CYS B 294 7.04 4.76 -18.16
C CYS B 294 6.47 4.88 -16.76
N LEU B 295 7.25 4.45 -15.77
CA LEU B 295 6.85 4.52 -14.38
C LEU B 295 7.35 5.79 -13.69
N ALA B 296 8.62 6.15 -13.91
CA ALA B 296 9.23 7.27 -13.20
C ALA B 296 8.73 8.62 -13.68
N THR B 297 8.22 8.73 -14.91
CA THR B 297 7.80 10.01 -15.46
C THR B 297 6.41 9.87 -16.08
N ARG B 298 5.70 11.00 -16.11
CA ARG B 298 4.33 11.05 -16.61
C ARG B 298 4.23 11.76 -17.96
N ASP B 299 5.36 12.14 -18.56
CA ASP B 299 5.34 12.94 -19.77
C ASP B 299 4.73 12.20 -20.95
N TRP B 300 4.77 10.87 -20.93
CA TRP B 300 4.35 10.07 -22.08
C TRP B 300 3.05 9.31 -21.82
N ASP B 301 2.30 9.71 -20.80
CA ASP B 301 1.01 9.09 -20.53
C ASP B 301 -0.01 9.51 -21.58
N SER B 302 -0.94 8.61 -21.87
CA SER B 302 -2.04 8.88 -22.78
C SER B 302 -3.30 8.21 -22.24
N TRP B 303 -4.44 8.63 -22.76
CA TRP B 303 -5.73 8.20 -22.26
C TRP B 303 -6.32 7.08 -23.11
N PHE B 304 -7.17 6.27 -22.48
CA PHE B 304 -7.88 5.19 -23.15
C PHE B 304 -8.95 5.79 -24.06
N THR B 305 -8.70 5.78 -25.36
CA THR B 305 -9.63 6.38 -26.30
C THR B 305 -10.73 5.40 -26.68
N GLU B 306 -11.92 5.95 -26.96
CA GLU B 306 -13.05 5.13 -27.38
C GLU B 306 -13.04 4.80 -28.86
N GLU B 307 -12.25 5.53 -29.67
CA GLU B 307 -12.24 5.33 -31.11
C GLU B 307 -10.93 4.65 -31.51
N ASP B 308 -9.89 5.40 -31.85
CA ASP B 308 -8.64 4.83 -32.34
C ASP B 308 -7.90 4.10 -31.22
N LEU B 309 -8.42 2.95 -30.81
CA LEU B 309 -7.80 2.23 -29.71
C LEU B 309 -6.51 1.54 -30.16
N ASP B 310 -6.52 0.96 -31.36
CA ASP B 310 -5.31 0.31 -31.88
C ASP B 310 -4.19 1.33 -32.08
N ALA B 311 -4.53 2.54 -32.55
CA ALA B 311 -3.50 3.55 -32.80
C ALA B 311 -2.91 4.08 -31.51
N THR B 312 -3.73 4.21 -30.46
CA THR B 312 -3.22 4.75 -29.20
C THR B 312 -2.36 3.73 -28.46
N VAL B 313 -2.78 2.46 -28.49
CA VAL B 313 -2.00 1.41 -27.83
C VAL B 313 -0.66 1.22 -28.53
N ARG B 314 -0.65 1.26 -29.87
CA ARG B 314 0.60 1.12 -30.60
C ARG B 314 1.54 2.28 -30.30
N GLU B 315 1.02 3.49 -30.20
CA GLU B 315 1.86 4.66 -29.90
C GLU B 315 2.47 4.54 -28.51
N ALA B 316 1.67 4.14 -27.52
CA ALA B 316 2.20 3.94 -26.18
C ALA B 316 3.14 2.74 -26.12
N ALA B 317 2.90 1.73 -26.96
CA ALA B 317 3.80 0.58 -27.02
C ALA B 317 5.16 0.99 -27.58
N LEU B 318 5.17 1.84 -28.61
CA LEU B 318 6.44 2.33 -29.14
C LEU B 318 7.21 3.13 -28.09
N LEU B 319 6.50 3.89 -27.26
CA LEU B 319 7.16 4.64 -26.20
C LEU B 319 7.63 3.73 -25.07
N ALA B 320 6.97 2.60 -24.87
CA ALA B 320 7.37 1.66 -23.82
C ALA B 320 8.68 0.95 -24.14
N LEU B 321 9.13 0.99 -25.39
CA LEU B 321 10.39 0.35 -25.75
C LEU B 321 11.60 1.22 -25.39
N ASP B 322 11.41 2.54 -25.35
CA ASP B 322 12.53 3.47 -25.30
C ASP B 322 13.11 3.55 -23.89
N TYR B 323 13.67 2.43 -23.44
CA TYR B 323 14.50 2.40 -22.25
C TYR B 323 15.85 1.74 -22.46
N ARG B 324 16.03 1.00 -23.56
CA ARG B 324 17.29 0.35 -23.89
C ARG B 324 17.27 -0.03 -25.36
N TRP B 325 18.34 0.28 -26.07
CA TRP B 325 18.45 -0.08 -27.49
C TRP B 325 19.73 -0.86 -27.76
#